data_4PAM
#
_entry.id   4PAM
#
_cell.length_a   121.126
_cell.length_b   121.126
_cell.length_c   68.186
_cell.angle_alpha   90.00
_cell.angle_beta   90.00
_cell.angle_gamma   90.00
#
_symmetry.space_group_name_H-M   'I 4'
#
loop_
_entity.id
_entity.type
_entity.pdbx_description
1 polymer 'Guanine nucleotide-binding protein G(i) subunit alpha-1'
2 non-polymer "GUANOSINE-5'-DIPHOSPHATE"
3 non-polymer 'SULFITE ION'
4 non-polymer 'CHLORIDE ION'
5 water water
#
_entity_poly.entity_id   1
_entity_poly.type   'polypeptide(L)'
_entity_poly.pdbx_seq_one_letter_code
;MGCTLSAEDKAAVERSKMIDRNLREDGEKAAREVKLLLLGAGESGKSTIVKQMKIIHEAGYSEEECKQYKAVVYSNTIQS
IIAIIRAMGRLKIDFGDAARADDARQLFVLAGAAEEGFMTAELAGVIKRLWKDSGVQACFNRSREYQLNDSAAYYLNDLD
RIAQPNYIPTQQDVLRTRVKTTGIVETHFTFKDLHFKMFDVGGQRSERKKWIHCFEGVTAIIFCVALSDYDLVLAEDEEM
NRMHESMKLFDSICNNKWFTDTSIILFLNKKDLFEEKIKKSPLTICYPEYAGSNTYEEAAAYIQCQFEDLNKRKDTKEIY
THFTCATDTKNVQFVCDAVTDVIIKNNLKDCGLF
;
_entity_poly.pdbx_strand_id   A
#
loop_
_chem_comp.id
_chem_comp.type
_chem_comp.name
_chem_comp.formula
CL non-polymer 'CHLORIDE ION' 'Cl -1'
GDP RNA linking GUANOSINE-5'-DIPHOSPHATE 'C10 H15 N5 O11 P2'
SO3 non-polymer 'SULFITE ION' 'O3 S -2'
#
# COMPACT_ATOMS: atom_id res chain seq x y z
N ASP A 9 25.35 -18.28 2.08
CA ASP A 9 24.12 -17.94 2.79
C ASP A 9 24.30 -17.99 4.31
N LYS A 10 24.34 -16.83 4.94
CA LYS A 10 24.51 -16.75 6.37
C LYS A 10 23.24 -17.24 7.08
N ALA A 11 22.10 -17.10 6.41
CA ALA A 11 20.79 -17.48 6.98
C ALA A 11 20.69 -19.00 7.12
N ALA A 12 21.10 -19.71 6.08
CA ALA A 12 21.12 -21.17 6.07
C ALA A 12 22.03 -21.73 7.17
N VAL A 13 23.21 -21.14 7.31
CA VAL A 13 24.12 -21.54 8.36
C VAL A 13 23.49 -21.30 9.73
N GLU A 14 22.85 -20.16 9.91
CA GLU A 14 22.26 -19.83 11.20
C GLU A 14 21.16 -20.81 11.58
N ARG A 15 20.26 -21.10 10.65
CA ARG A 15 19.11 -21.94 10.98
C ARG A 15 19.55 -23.38 11.20
N SER A 16 20.66 -23.75 10.57
CA SER A 16 21.20 -25.11 10.72
C SER A 16 21.81 -25.37 12.10
N LYS A 17 21.99 -24.31 12.89
CA LYS A 17 22.43 -24.49 14.27
C LYS A 17 21.30 -24.89 15.24
N MET A 18 20.05 -24.78 14.80
CA MET A 18 18.89 -25.15 15.63
C MET A 18 18.93 -26.64 15.95
N ILE A 19 18.60 -27.00 17.19
CA ILE A 19 18.48 -28.42 17.54
C ILE A 19 17.10 -28.82 18.11
N ASP A 20 16.19 -27.84 18.23
CA ASP A 20 14.87 -28.13 18.82
C ASP A 20 14.01 -29.16 18.08
N ARG A 21 14.21 -29.31 16.76
CA ARG A 21 13.48 -30.36 16.02
C ARG A 21 13.79 -31.77 16.52
N ASN A 22 14.96 -31.94 17.13
CA ASN A 22 15.40 -33.27 17.56
C ASN A 22 14.61 -33.78 18.75
N LEU A 23 13.96 -32.84 19.44
CA LEU A 23 13.14 -33.15 20.60
C LEU A 23 11.77 -33.66 20.18
N ARG A 24 11.47 -33.63 18.89
CA ARG A 24 10.16 -34.08 18.37
C ARG A 24 10.32 -35.34 17.55
N GLU A 25 9.44 -36.31 17.80
CA GLU A 25 9.48 -37.60 17.10
C GLU A 25 9.56 -37.44 15.60
N ASP A 26 8.72 -36.57 15.05
CA ASP A 26 8.82 -36.34 13.61
C ASP A 26 9.30 -34.92 13.34
N GLY A 27 10.34 -34.53 14.07
CA GLY A 27 10.81 -33.15 14.07
C GLY A 27 11.10 -32.56 12.71
N GLU A 28 11.65 -33.35 11.81
CA GLU A 28 12.05 -32.82 10.51
C GLU A 28 10.85 -32.44 9.65
N LYS A 29 9.67 -32.97 9.99
CA LYS A 29 8.43 -32.64 9.28
C LYS A 29 7.62 -31.55 9.97
N ALA A 30 8.07 -31.09 11.13
CA ALA A 30 7.26 -30.14 11.90
C ALA A 30 7.24 -28.78 11.22
N ALA A 31 6.19 -28.00 11.48
CA ALA A 31 6.06 -26.68 10.89
C ALA A 31 6.61 -25.62 11.83
N ARG A 32 7.62 -24.88 11.39
CA ARG A 32 8.13 -23.76 12.18
C ARG A 32 7.29 -22.53 11.86
N GLU A 33 6.70 -21.90 12.89
CA GLU A 33 5.74 -20.83 12.67
C GLU A 33 6.31 -19.45 12.91
N VAL A 34 5.98 -18.55 12.00
CA VAL A 34 6.33 -17.14 12.14
C VAL A 34 5.06 -16.29 12.13
N LYS A 35 4.86 -15.49 13.18
CA LYS A 35 3.74 -14.56 13.19
C LYS A 35 4.18 -13.15 12.85
N LEU A 36 3.58 -12.61 11.79
CA LEU A 36 3.88 -11.26 11.32
C LEU A 36 2.66 -10.36 11.55
N LEU A 37 2.88 -9.26 12.24
CA LEU A 37 1.84 -8.26 12.46
C LEU A 37 2.00 -7.13 11.43
N LEU A 38 0.99 -6.95 10.59
CA LEU A 38 1.03 -5.97 9.54
C LEU A 38 0.26 -4.69 9.94
N LEU A 39 1.00 -3.59 10.09
CA LEU A 39 0.48 -2.33 10.62
C LEU A 39 0.72 -1.15 9.66
N GLY A 40 0.04 -0.03 9.92
CA GLY A 40 0.17 1.17 9.09
C GLY A 40 -1.15 1.90 8.93
N ALA A 41 -1.09 3.17 8.57
CA ALA A 41 -2.29 3.97 8.41
C ALA A 41 -3.10 3.45 7.23
N GLY A 42 -4.38 3.85 7.17
CA GLY A 42 -5.23 3.53 6.04
C GLY A 42 -4.56 3.91 4.73
N GLU A 43 -4.74 3.08 3.70
CA GLU A 43 -4.16 3.32 2.37
C GLU A 43 -2.64 3.25 2.27
N SER A 44 -1.99 2.70 3.29
CA SER A 44 -0.52 2.61 3.29
C SER A 44 0.02 1.42 2.48
N GLY A 45 -0.86 0.46 2.20
CA GLY A 45 -0.51 -0.64 1.31
C GLY A 45 -0.61 -2.03 1.92
N LYS A 46 -1.30 -2.17 3.05
CA LYS A 46 -1.34 -3.43 3.78
C LYS A 46 -2.06 -4.56 3.01
N SER A 47 -3.26 -4.27 2.50
CA SER A 47 -4.02 -5.24 1.72
C SER A 47 -3.25 -5.64 0.48
N THR A 48 -2.50 -4.70 -0.09
CA THR A 48 -1.74 -5.00 -1.30
C THR A 48 -0.60 -6.00 -1.03
N ILE A 49 0.12 -5.79 0.08
CA ILE A 49 1.13 -6.74 0.54
C ILE A 49 0.49 -8.12 0.77
N VAL A 50 -0.68 -8.16 1.42
CA VAL A 50 -1.43 -9.41 1.58
C VAL A 50 -1.70 -10.09 0.21
N LYS A 51 -2.13 -9.31 -0.78
CA LYS A 51 -2.41 -9.89 -2.09
C LYS A 51 -1.14 -10.44 -2.72
N GLN A 52 -0.04 -9.73 -2.52
CA GLN A 52 1.26 -10.15 -3.07
C GLN A 52 1.76 -11.46 -2.48
N MET A 53 1.44 -11.73 -1.22
CA MET A 53 1.88 -12.97 -0.60
C MET A 53 1.15 -14.17 -1.25
N LYS A 54 -0.12 -13.97 -1.58
CA LYS A 54 -0.92 -14.97 -2.29
C LYS A 54 -0.32 -15.22 -3.67
N ILE A 55 -0.05 -14.13 -4.37
CA ILE A 55 0.50 -14.19 -5.70
C ILE A 55 1.86 -14.90 -5.68
N ILE A 56 2.77 -14.42 -4.84
CA ILE A 56 4.14 -14.93 -4.84
C ILE A 56 4.26 -16.36 -4.30
N HIS A 57 3.55 -16.67 -3.22
CA HIS A 57 3.81 -17.90 -2.49
C HIS A 57 2.75 -18.99 -2.63
N GLU A 58 1.54 -18.60 -3.04
CA GLU A 58 0.39 -19.50 -3.02
C GLU A 58 -0.41 -19.48 -4.32
N ALA A 59 0.31 -19.25 -5.42
CA ALA A 59 -0.21 -19.46 -6.78
C ALA A 59 -1.17 -18.41 -7.36
N GLY A 60 -0.97 -17.15 -7.01
CA GLY A 60 -1.54 -16.05 -7.77
C GLY A 60 -3.05 -15.91 -7.81
N TYR A 61 -3.53 -15.30 -8.88
CA TYR A 61 -4.97 -15.17 -9.11
C TYR A 61 -5.35 -15.83 -10.43
N SER A 62 -6.28 -16.77 -10.35
CA SER A 62 -6.88 -17.34 -11.56
C SER A 62 -7.71 -16.27 -12.24
N GLU A 63 -8.25 -16.59 -13.42
CA GLU A 63 -9.06 -15.64 -14.15
C GLU A 63 -10.43 -15.45 -13.54
N GLU A 64 -11.01 -16.52 -13.00
CA GLU A 64 -12.31 -16.41 -12.36
C GLU A 64 -12.21 -15.58 -11.08
N GLU A 65 -11.08 -15.69 -10.39
CA GLU A 65 -10.84 -14.86 -9.21
C GLU A 65 -10.74 -13.40 -9.63
N CYS A 66 -9.93 -13.14 -10.65
CA CYS A 66 -9.80 -11.81 -11.24
C CYS A 66 -11.15 -11.25 -11.69
N LYS A 67 -12.01 -12.11 -12.23
CA LYS A 67 -13.33 -11.68 -12.67
C LYS A 67 -14.16 -11.08 -11.53
N GLN A 68 -14.00 -11.59 -10.32
CA GLN A 68 -14.74 -11.07 -9.17
C GLN A 68 -14.41 -9.59 -8.90
N TYR A 69 -13.26 -9.13 -9.37
CA TYR A 69 -12.81 -7.76 -9.09
C TYR A 69 -13.24 -6.74 -10.15
N LYS A 70 -13.95 -7.21 -11.18
CA LYS A 70 -14.38 -6.35 -12.29
C LYS A 70 -15.15 -5.10 -11.85
N ALA A 71 -16.19 -5.30 -11.04
CA ALA A 71 -17.01 -4.18 -10.60
C ALA A 71 -16.31 -3.33 -9.54
N VAL A 72 -15.30 -3.90 -8.87
CA VAL A 72 -14.42 -3.11 -8.01
C VAL A 72 -13.56 -2.17 -8.86
N VAL A 73 -13.02 -2.68 -9.97
CA VAL A 73 -12.25 -1.83 -10.88
C VAL A 73 -13.13 -0.69 -11.44
N TYR A 74 -14.36 -1.02 -11.83
CA TYR A 74 -15.26 0.02 -12.35
C TYR A 74 -15.57 1.03 -11.25
N SER A 75 -15.90 0.53 -10.06
CA SER A 75 -16.23 1.41 -8.94
C SER A 75 -15.10 2.37 -8.62
N ASN A 76 -13.88 1.85 -8.56
CA ASN A 76 -12.70 2.68 -8.27
C ASN A 76 -12.50 3.75 -9.35
N THR A 77 -12.80 3.37 -10.59
CA THR A 77 -12.61 4.26 -11.73
C THR A 77 -13.65 5.39 -11.69
N ILE A 78 -14.91 4.99 -11.46
CA ILE A 78 -16.01 5.95 -11.31
C ILE A 78 -15.74 6.92 -10.17
N GLN A 79 -15.36 6.40 -9.00
CA GLN A 79 -15.00 7.24 -7.86
C GLN A 79 -13.90 8.24 -8.21
N SER A 80 -12.86 7.77 -8.88
CA SER A 80 -11.73 8.63 -9.22
C SER A 80 -12.13 9.82 -10.11
N ILE A 81 -12.81 9.54 -11.22
CA ILE A 81 -13.17 10.63 -12.14
C ILE A 81 -14.14 11.60 -11.45
N ILE A 82 -15.10 11.07 -10.69
CA ILE A 82 -16.03 11.93 -9.97
C ILE A 82 -15.34 12.85 -8.96
N ALA A 83 -14.38 12.33 -8.22
CA ALA A 83 -13.63 13.15 -7.27
C ALA A 83 -12.96 14.33 -7.98
N ILE A 84 -12.34 14.07 -9.13
CA ILE A 84 -11.69 15.14 -9.90
C ILE A 84 -12.73 16.16 -10.41
N ILE A 85 -13.80 15.69 -11.05
CA ILE A 85 -14.84 16.59 -11.55
C ILE A 85 -15.43 17.43 -10.43
N ARG A 86 -15.75 16.80 -9.30
CA ARG A 86 -16.28 17.54 -8.16
C ARG A 86 -15.27 18.57 -7.64
N ALA A 87 -14.00 18.19 -7.56
CA ALA A 87 -12.95 19.13 -7.13
C ALA A 87 -12.85 20.37 -8.03
N MET A 88 -13.13 20.21 -9.32
CA MET A 88 -13.12 21.34 -10.27
C MET A 88 -14.06 22.47 -9.83
N GLY A 89 -15.22 22.12 -9.29
CA GLY A 89 -16.15 23.11 -8.78
C GLY A 89 -15.64 23.81 -7.53
N ARG A 90 -15.07 23.05 -6.60
CA ARG A 90 -14.57 23.62 -5.35
C ARG A 90 -13.31 24.46 -5.53
N LEU A 91 -12.46 24.08 -6.48
CA LEU A 91 -11.21 24.81 -6.74
C LEU A 91 -11.34 25.83 -7.85
N LYS A 92 -12.56 25.96 -8.40
CA LYS A 92 -12.86 26.90 -9.49
C LYS A 92 -11.97 26.69 -10.70
N ILE A 93 -11.95 25.46 -11.23
CA ILE A 93 -11.18 25.15 -12.43
C ILE A 93 -12.15 24.89 -13.58
N ASP A 94 -12.00 25.63 -14.67
CA ASP A 94 -12.91 25.54 -15.79
C ASP A 94 -12.50 24.40 -16.69
N PHE A 95 -13.48 23.78 -17.35
CA PHE A 95 -13.19 22.82 -18.41
C PHE A 95 -12.33 23.48 -19.50
N GLY A 96 -11.50 22.69 -20.18
CA GLY A 96 -10.65 23.22 -21.23
C GLY A 96 -11.48 23.40 -22.49
N ASP A 97 -12.59 22.66 -22.52
CA ASP A 97 -13.53 22.71 -23.62
C ASP A 97 -14.88 22.76 -22.94
N ALA A 98 -15.66 23.80 -23.20
CA ALA A 98 -16.95 23.98 -22.55
C ALA A 98 -17.93 22.83 -22.84
N ALA A 99 -17.69 22.11 -23.93
CA ALA A 99 -18.52 20.96 -24.30
C ALA A 99 -18.44 19.82 -23.27
N ARG A 100 -17.40 19.84 -22.45
CA ARG A 100 -17.19 18.82 -21.43
C ARG A 100 -18.19 18.95 -20.27
N ALA A 101 -18.75 20.14 -20.09
CA ALA A 101 -19.76 20.35 -19.03
C ALA A 101 -20.95 19.40 -19.19
N ASP A 102 -21.29 19.06 -20.43
CA ASP A 102 -22.35 18.09 -20.70
C ASP A 102 -21.91 16.68 -20.35
N ASP A 103 -20.66 16.35 -20.66
CA ASP A 103 -20.09 15.06 -20.31
C ASP A 103 -20.05 14.89 -18.78
N ALA A 104 -19.73 15.97 -18.07
CA ALA A 104 -19.68 15.95 -16.60
C ALA A 104 -21.07 15.68 -16.02
N ARG A 105 -22.07 16.39 -16.53
CA ARG A 105 -23.46 16.13 -16.15
C ARG A 105 -23.86 14.68 -16.43
N GLN A 106 -23.50 14.18 -17.61
CA GLN A 106 -23.82 12.81 -17.98
C GLN A 106 -23.12 11.75 -17.08
N LEU A 107 -21.94 12.08 -16.58
CA LEU A 107 -21.26 11.19 -15.62
C LEU A 107 -22.14 10.98 -14.38
N PHE A 108 -22.67 12.07 -13.85
CA PHE A 108 -23.50 12.00 -12.66
C PHE A 108 -24.87 11.36 -12.91
N VAL A 109 -25.42 11.58 -14.10
CA VAL A 109 -26.65 10.90 -14.52
C VAL A 109 -26.45 9.39 -14.53
N LEU A 110 -25.35 8.97 -15.17
CA LEU A 110 -25.07 7.54 -15.31
C LEU A 110 -24.68 6.86 -13.99
N ALA A 111 -23.81 7.49 -13.20
CA ALA A 111 -23.46 6.92 -11.89
C ALA A 111 -24.65 6.94 -10.96
N GLY A 112 -25.51 7.95 -11.15
CA GLY A 112 -26.62 8.22 -10.26
C GLY A 112 -27.74 7.21 -10.37
N ALA A 113 -27.86 6.59 -11.54
CA ALA A 113 -28.97 5.68 -11.79
C ALA A 113 -28.56 4.22 -11.66
N ALA A 114 -27.28 3.97 -11.40
CA ALA A 114 -26.80 2.60 -11.22
C ALA A 114 -26.71 2.16 -9.75
N GLU A 115 -26.76 0.85 -9.54
CA GLU A 115 -26.73 0.27 -8.20
C GLU A 115 -25.31 0.02 -7.72
N GLU A 116 -24.42 -0.30 -8.66
CA GLU A 116 -23.03 -0.56 -8.30
C GLU A 116 -22.15 -0.25 -9.49
N GLY A 117 -20.84 -0.36 -9.31
CA GLY A 117 -19.89 -0.12 -10.39
C GLY A 117 -20.22 -0.91 -11.64
N PHE A 118 -20.08 -0.25 -12.79
CA PHE A 118 -20.41 -0.86 -14.08
C PHE A 118 -19.64 -0.13 -15.16
N MET A 119 -19.68 -0.64 -16.38
CA MET A 119 -19.07 0.06 -17.51
C MET A 119 -19.90 -0.19 -18.78
N THR A 120 -20.10 0.88 -19.55
CA THR A 120 -20.71 0.76 -20.87
C THR A 120 -19.87 1.60 -21.82
N ALA A 121 -20.04 1.39 -23.13
CA ALA A 121 -19.38 2.23 -24.11
C ALA A 121 -19.76 3.72 -23.91
N GLU A 122 -21.01 3.98 -23.58
CA GLU A 122 -21.45 5.35 -23.30
C GLU A 122 -20.67 5.99 -22.13
N LEU A 123 -20.57 5.27 -21.02
CA LEU A 123 -19.84 5.79 -19.86
C LEU A 123 -18.35 5.94 -20.15
N ALA A 124 -17.75 4.93 -20.78
CA ALA A 124 -16.36 5.02 -21.18
C ALA A 124 -16.11 6.27 -22.02
N GLY A 125 -16.95 6.49 -23.03
CA GLY A 125 -16.83 7.69 -23.84
C GLY A 125 -16.84 8.95 -23.01
N VAL A 126 -17.83 9.05 -22.12
CA VAL A 126 -17.93 10.17 -21.20
C VAL A 126 -16.62 10.37 -20.40
N ILE A 127 -16.18 9.32 -19.71
CA ILE A 127 -15.00 9.41 -18.85
C ILE A 127 -13.72 9.70 -19.66
N LYS A 128 -13.57 9.04 -20.79
CA LYS A 128 -12.44 9.23 -21.70
C LYS A 128 -12.27 10.69 -22.12
N ARG A 129 -13.38 11.32 -22.53
CA ARG A 129 -13.34 12.72 -22.98
C ARG A 129 -13.06 13.65 -21.80
N LEU A 130 -13.63 13.34 -20.64
CA LEU A 130 -13.30 14.10 -19.43
C LEU A 130 -11.81 13.99 -19.07
N TRP A 131 -11.29 12.76 -19.08
CA TRP A 131 -9.90 12.53 -18.69
C TRP A 131 -8.90 13.23 -19.61
N LYS A 132 -9.26 13.38 -20.88
CA LYS A 132 -8.39 14.02 -21.89
C LYS A 132 -8.38 15.55 -21.83
N ASP A 133 -9.35 16.12 -21.12
CA ASP A 133 -9.54 17.57 -21.11
C ASP A 133 -8.49 18.27 -20.28
N SER A 134 -8.02 19.42 -20.79
CA SER A 134 -6.91 20.14 -20.17
C SER A 134 -7.25 20.68 -18.79
N GLY A 135 -8.48 21.15 -18.60
CA GLY A 135 -8.91 21.61 -17.29
C GLY A 135 -9.01 20.47 -16.28
N VAL A 136 -9.50 19.32 -16.72
CA VAL A 136 -9.59 18.15 -15.84
C VAL A 136 -8.19 17.71 -15.43
N GLN A 137 -7.27 17.69 -16.39
CA GLN A 137 -5.88 17.34 -16.12
C GLN A 137 -5.22 18.29 -15.13
N ALA A 138 -5.59 19.56 -15.18
CA ALA A 138 -5.03 20.56 -14.27
C ALA A 138 -5.56 20.34 -12.86
N CYS A 139 -6.82 19.95 -12.77
CA CYS A 139 -7.39 19.60 -11.47
C CYS A 139 -6.72 18.33 -10.95
N PHE A 140 -6.53 17.35 -11.83
CA PHE A 140 -5.87 16.11 -11.46
C PHE A 140 -4.51 16.41 -10.83
N ASN A 141 -3.79 17.36 -11.40
CA ASN A 141 -2.44 17.68 -10.93
C ASN A 141 -2.43 18.47 -9.60
N ARG A 142 -3.60 18.88 -9.13
CA ARG A 142 -3.72 19.48 -7.80
C ARG A 142 -4.42 18.53 -6.82
N SER A 143 -4.29 17.22 -7.05
CA SER A 143 -5.03 16.23 -6.23
C SER A 143 -4.67 16.27 -4.75
N ARG A 144 -3.51 16.84 -4.43
CA ARG A 144 -3.11 17.04 -3.04
C ARG A 144 -4.09 17.96 -2.31
N GLU A 145 -4.89 18.71 -3.06
CA GLU A 145 -5.86 19.64 -2.48
C GLU A 145 -7.19 18.98 -2.18
N TYR A 146 -7.33 17.70 -2.53
CA TYR A 146 -8.56 16.97 -2.21
C TYR A 146 -8.26 15.49 -1.95
N GLN A 147 -9.27 14.63 -2.02
CA GLN A 147 -9.07 13.21 -1.76
C GLN A 147 -9.29 12.41 -3.04
N LEU A 148 -8.20 11.86 -3.58
CA LEU A 148 -8.25 11.10 -4.83
C LEU A 148 -7.53 9.75 -4.68
N ASN A 149 -8.16 8.69 -5.16
CA ASN A 149 -7.54 7.35 -5.17
C ASN A 149 -6.18 7.41 -5.86
N ASP A 150 -5.14 6.84 -5.24
CA ASP A 150 -3.82 6.79 -5.87
C ASP A 150 -3.82 6.04 -7.24
N SER A 151 -4.76 5.11 -7.40
CA SER A 151 -4.87 4.34 -8.64
C SER A 151 -5.64 5.04 -9.76
N ALA A 152 -6.03 6.29 -9.52
CA ALA A 152 -6.86 7.03 -10.47
C ALA A 152 -6.24 7.04 -11.87
N ALA A 153 -5.00 7.51 -11.96
CA ALA A 153 -4.35 7.58 -13.27
C ALA A 153 -4.15 6.19 -13.88
N TYR A 154 -3.78 5.21 -13.06
CA TYR A 154 -3.60 3.84 -13.58
C TYR A 154 -4.83 3.33 -14.37
N TYR A 155 -6.02 3.45 -13.78
CA TYR A 155 -7.24 2.96 -14.41
C TYR A 155 -7.70 3.90 -15.52
N LEU A 156 -7.62 5.20 -15.29
CA LEU A 156 -8.14 6.15 -16.27
C LEU A 156 -7.31 6.13 -17.56
N ASN A 157 -5.99 6.04 -17.45
CA ASN A 157 -5.14 5.89 -18.64
C ASN A 157 -5.36 4.58 -19.41
N ASP A 158 -5.83 3.55 -18.72
CA ASP A 158 -6.10 2.27 -19.36
C ASP A 158 -7.60 2.06 -19.62
N LEU A 159 -8.36 3.15 -19.66
CA LEU A 159 -9.82 3.02 -19.72
C LEU A 159 -10.30 2.23 -20.93
N ASP A 160 -9.63 2.42 -22.07
CA ASP A 160 -10.06 1.74 -23.29
C ASP A 160 -10.07 0.22 -23.15
N ARG A 161 -9.00 -0.34 -22.57
CA ARG A 161 -8.92 -1.77 -22.29
C ARG A 161 -9.99 -2.24 -21.28
N ILE A 162 -10.13 -1.47 -20.19
CA ILE A 162 -11.06 -1.81 -19.11
C ILE A 162 -12.52 -1.78 -19.61
N ALA A 163 -12.76 -0.94 -20.63
CA ALA A 163 -14.09 -0.76 -21.20
C ALA A 163 -14.49 -1.79 -22.25
N GLN A 164 -13.54 -2.58 -22.73
CA GLN A 164 -13.84 -3.64 -23.71
C GLN A 164 -14.86 -4.63 -23.15
N PRO A 165 -15.76 -5.12 -24.02
CA PRO A 165 -16.91 -5.91 -23.54
C PRO A 165 -16.54 -7.21 -22.81
N ASN A 166 -15.46 -7.85 -23.24
CA ASN A 166 -15.03 -9.07 -22.57
C ASN A 166 -13.83 -8.84 -21.63
N TYR A 167 -13.74 -7.63 -21.08
CA TYR A 167 -12.68 -7.26 -20.14
C TYR A 167 -12.46 -8.27 -19.01
N ILE A 168 -11.23 -8.71 -18.85
CA ILE A 168 -10.84 -9.53 -17.71
C ILE A 168 -9.69 -8.84 -16.97
N PRO A 169 -9.91 -8.51 -15.68
CA PRO A 169 -8.86 -7.86 -14.89
C PRO A 169 -7.57 -8.67 -14.87
N THR A 170 -6.46 -8.01 -15.16
CA THR A 170 -5.15 -8.59 -14.98
C THR A 170 -4.82 -8.60 -13.48
N GLN A 171 -3.76 -9.32 -13.11
CA GLN A 171 -3.32 -9.34 -11.72
C GLN A 171 -2.98 -7.94 -11.23
N GLN A 172 -2.40 -7.13 -12.11
CA GLN A 172 -2.07 -5.76 -11.73
C GLN A 172 -3.35 -4.93 -11.52
N ASP A 173 -4.39 -5.16 -12.33
CA ASP A 173 -5.66 -4.47 -12.11
C ASP A 173 -6.20 -4.79 -10.70
N VAL A 174 -6.08 -6.05 -10.29
CA VAL A 174 -6.53 -6.49 -8.98
C VAL A 174 -5.67 -5.87 -7.87
N LEU A 175 -4.35 -5.89 -8.06
CA LEU A 175 -3.43 -5.29 -7.09
C LEU A 175 -3.68 -3.80 -6.93
N ARG A 176 -4.16 -3.17 -8.01
CA ARG A 176 -4.38 -1.73 -7.99
C ARG A 176 -5.70 -1.32 -7.31
N THR A 177 -6.56 -2.28 -7.00
CA THR A 177 -7.87 -1.94 -6.42
C THR A 177 -7.73 -1.43 -4.99
N ARG A 178 -8.68 -0.57 -4.59
CA ARG A 178 -8.80 -0.19 -3.20
C ARG A 178 -10.11 -0.77 -2.66
N VAL A 179 -9.98 -1.65 -1.69
CA VAL A 179 -11.11 -2.37 -1.13
C VAL A 179 -11.24 -1.98 0.34
N LYS A 180 -12.47 -1.71 0.78
CA LYS A 180 -12.66 -1.27 2.16
C LYS A 180 -12.47 -2.43 3.14
N THR A 181 -11.35 -2.42 3.84
CA THR A 181 -11.05 -3.44 4.85
C THR A 181 -11.61 -3.01 6.19
N THR A 182 -12.43 -3.86 6.79
CA THR A 182 -12.78 -3.68 8.19
C THR A 182 -12.19 -4.85 8.97
N GLY A 183 -11.87 -4.64 10.24
CA GLY A 183 -11.41 -5.72 11.09
C GLY A 183 -10.07 -6.32 10.70
N ILE A 184 -9.81 -7.53 11.24
CA ILE A 184 -8.54 -8.21 11.11
C ILE A 184 -8.55 -9.33 10.08
N VAL A 185 -7.65 -9.24 9.10
CA VAL A 185 -7.50 -10.29 8.11
C VAL A 185 -6.24 -11.11 8.44
N GLU A 186 -6.38 -12.43 8.52
CA GLU A 186 -5.27 -13.33 8.74
C GLU A 186 -5.01 -14.14 7.48
N THR A 187 -3.75 -14.18 7.05
CA THR A 187 -3.35 -14.96 5.88
C THR A 187 -2.19 -15.89 6.21
N HIS A 188 -2.15 -17.02 5.53
CA HIS A 188 -1.16 -18.06 5.75
C HIS A 188 -0.42 -18.33 4.45
N PHE A 189 0.90 -18.43 4.52
CA PHE A 189 1.70 -18.84 3.38
C PHE A 189 3.00 -19.49 3.89
N THR A 190 3.59 -20.33 3.05
CA THR A 190 4.81 -21.04 3.41
C THR A 190 5.92 -20.58 2.46
N PHE A 191 7.06 -20.18 3.03
CA PHE A 191 8.18 -19.66 2.25
C PHE A 191 9.49 -20.03 2.97
N LYS A 192 10.42 -20.62 2.24
CA LYS A 192 11.71 -21.07 2.81
C LYS A 192 11.50 -21.95 4.03
N ASP A 193 10.51 -22.82 3.94
CA ASP A 193 10.19 -23.78 4.99
C ASP A 193 9.77 -23.12 6.31
N LEU A 194 9.28 -21.88 6.22
CA LEU A 194 8.64 -21.22 7.36
C LEU A 194 7.13 -21.07 7.11
N HIS A 195 6.33 -21.32 8.14
CA HIS A 195 4.87 -21.19 8.03
C HIS A 195 4.42 -19.85 8.64
N PHE A 196 4.23 -18.87 7.76
CA PHE A 196 3.92 -17.50 8.16
C PHE A 196 2.45 -17.38 8.47
N LYS A 197 2.14 -16.72 9.59
CA LYS A 197 0.77 -16.30 9.91
C LYS A 197 0.78 -14.77 9.91
N MET A 198 0.19 -14.17 8.89
CA MET A 198 0.24 -12.72 8.72
C MET A 198 -1.11 -12.08 9.08
N PHE A 199 -1.08 -11.11 10.00
CA PHE A 199 -2.30 -10.45 10.44
C PHE A 199 -2.34 -8.98 10.00
N ASP A 200 -3.32 -8.64 9.16
CA ASP A 200 -3.56 -7.25 8.76
C ASP A 200 -4.45 -6.56 9.80
N VAL A 201 -3.82 -5.77 10.66
CA VAL A 201 -4.50 -5.14 11.76
C VAL A 201 -4.53 -3.62 11.57
N GLY A 202 -3.38 -3.07 11.16
CA GLY A 202 -3.29 -1.64 10.87
C GLY A 202 -2.99 -0.75 12.08
N ILE A 212 -4.36 -5.17 19.90
CA ILE A 212 -2.93 -5.06 19.65
C ILE A 212 -2.09 -5.68 20.77
N HIS A 213 -2.73 -5.95 21.92
CA HIS A 213 -2.07 -6.68 23.00
C HIS A 213 -2.18 -8.18 22.76
N CYS A 214 -3.05 -8.56 21.83
CA CYS A 214 -3.20 -9.96 21.41
C CYS A 214 -1.99 -10.42 20.60
N PHE A 215 -1.17 -9.46 20.18
CA PHE A 215 -0.01 -9.76 19.35
C PHE A 215 1.31 -9.42 20.04
N GLU A 216 1.27 -9.39 21.38
CA GLU A 216 2.52 -9.23 22.13
C GLU A 216 3.41 -10.46 21.88
N GLY A 217 4.68 -10.20 21.58
CA GLY A 217 5.57 -11.30 21.27
C GLY A 217 5.33 -11.96 19.91
N VAL A 218 4.81 -11.20 18.95
CA VAL A 218 4.85 -11.63 17.55
C VAL A 218 6.31 -11.64 17.09
N THR A 219 6.62 -12.49 16.12
CA THR A 219 7.98 -12.58 15.60
C THR A 219 8.45 -11.24 15.04
N ALA A 220 7.64 -10.65 14.16
CA ALA A 220 7.99 -9.39 13.52
C ALA A 220 6.76 -8.52 13.22
N ILE A 221 7.00 -7.21 13.16
CA ILE A 221 6.00 -6.26 12.73
C ILE A 221 6.46 -5.73 11.37
N ILE A 222 5.57 -5.66 10.40
CA ILE A 222 5.84 -4.89 9.18
C ILE A 222 4.95 -3.65 9.22
N PHE A 223 5.58 -2.48 9.27
CA PHE A 223 4.84 -1.24 9.36
C PHE A 223 4.90 -0.50 8.01
N CYS A 224 3.74 -0.28 7.39
CA CYS A 224 3.68 0.40 6.08
C CYS A 224 3.44 1.91 6.20
N VAL A 225 4.21 2.65 5.42
CA VAL A 225 4.06 4.10 5.30
C VAL A 225 3.91 4.44 3.81
N ALA A 226 2.90 5.23 3.47
CA ALA A 226 2.80 5.76 2.11
C ALA A 226 3.71 6.98 1.98
N LEU A 227 4.83 6.82 1.29
CA LEU A 227 5.74 7.94 1.05
C LEU A 227 5.02 9.14 0.41
N SER A 228 4.13 8.83 -0.53
CA SER A 228 3.45 9.85 -1.32
C SER A 228 2.38 10.63 -0.52
N ASP A 229 2.18 10.26 0.74
CA ASP A 229 1.28 11.02 1.60
C ASP A 229 1.86 12.34 2.12
N TYR A 230 3.15 12.58 1.92
CA TYR A 230 3.83 13.73 2.57
C TYR A 230 3.16 15.09 2.33
N ASP A 231 2.52 15.24 1.18
CA ASP A 231 1.86 16.51 0.86
C ASP A 231 0.33 16.41 0.90
N LEU A 232 -0.20 15.40 1.59
CA LEU A 232 -1.66 15.17 1.67
C LEU A 232 -2.20 15.38 3.08
N VAL A 233 -3.52 15.52 3.18
CA VAL A 233 -4.20 15.71 4.46
C VAL A 233 -5.20 14.57 4.74
N LEU A 234 -5.45 14.31 6.02
CA LEU A 234 -6.47 13.34 6.43
C LEU A 234 -7.82 13.69 5.83
N ALA A 235 -8.54 12.68 5.35
CA ALA A 235 -9.90 12.90 4.84
C ALA A 235 -10.80 13.48 5.92
N GLU A 236 -10.57 13.06 7.17
CA GLU A 236 -11.33 13.52 8.33
C GLU A 236 -11.03 14.98 8.67
N ASP A 237 -9.75 15.27 8.83
CA ASP A 237 -9.29 16.59 9.26
C ASP A 237 -8.33 17.17 8.22
N GLU A 238 -8.83 18.11 7.42
CA GLU A 238 -8.07 18.74 6.34
C GLU A 238 -6.85 19.49 6.86
N GLU A 239 -6.82 19.74 8.16
CA GLU A 239 -5.71 20.44 8.81
C GLU A 239 -4.56 19.48 9.17
N MET A 240 -4.86 18.18 9.22
CA MET A 240 -3.89 17.19 9.69
C MET A 240 -3.05 16.54 8.59
N ASN A 241 -1.72 16.69 8.71
CA ASN A 241 -0.77 16.14 7.75
C ASN A 241 -0.69 14.62 7.88
N ARG A 242 -0.92 13.90 6.79
CA ARG A 242 -0.98 12.44 6.84
C ARG A 242 0.31 11.81 7.36
N MET A 243 1.45 12.32 6.91
CA MET A 243 2.70 11.72 7.33
C MET A 243 2.97 11.91 8.83
N HIS A 244 2.59 13.05 9.38
CA HIS A 244 2.74 13.28 10.81
C HIS A 244 1.92 12.26 11.61
N GLU A 245 0.71 11.97 11.13
CA GLU A 245 -0.12 10.93 11.72
C GLU A 245 0.56 9.54 11.68
N SER A 246 1.14 9.20 10.54
CA SER A 246 1.85 7.94 10.40
C SER A 246 3.05 7.85 11.36
N MET A 247 3.81 8.94 11.48
CA MET A 247 4.95 8.99 12.42
C MET A 247 4.51 8.75 13.85
N LYS A 248 3.45 9.45 14.25
CA LYS A 248 2.89 9.31 15.59
C LYS A 248 2.49 7.86 15.83
N LEU A 249 1.85 7.23 14.84
CA LEU A 249 1.47 5.83 14.96
C LEU A 249 2.70 4.92 15.09
N PHE A 250 3.75 5.19 14.30
CA PHE A 250 4.98 4.39 14.34
C PHE A 250 5.71 4.54 15.68
N ASP A 251 5.82 5.79 16.13
CA ASP A 251 6.36 6.12 17.46
C ASP A 251 5.65 5.27 18.54
N SER A 252 4.33 5.30 18.51
CA SER A 252 3.49 4.57 19.48
C SER A 252 3.60 3.04 19.39
N ILE A 253 4.14 2.53 18.29
CA ILE A 253 4.30 1.07 18.10
C ILE A 253 5.72 0.64 18.39
N CYS A 254 6.66 1.36 17.79
CA CYS A 254 8.08 1.04 17.86
C CYS A 254 8.58 1.01 19.30
N ASN A 255 8.08 1.95 20.10
CA ASN A 255 8.40 2.03 21.51
C ASN A 255 7.23 1.56 22.37
N ASN A 256 6.79 0.33 22.13
CA ASN A 256 5.79 -0.29 22.99
C ASN A 256 6.40 -1.52 23.64
N LYS A 257 6.14 -1.68 24.94
CA LYS A 257 6.68 -2.77 25.76
C LYS A 257 6.65 -4.12 25.08
N TRP A 258 5.48 -4.45 24.52
CA TRP A 258 5.24 -5.76 23.93
C TRP A 258 6.23 -6.17 22.85
N PHE A 259 6.86 -5.18 22.20
CA PHE A 259 7.57 -5.42 20.95
C PHE A 259 9.10 -5.32 21.01
N THR A 260 9.68 -5.37 22.21
CA THR A 260 11.13 -5.19 22.35
C THR A 260 11.94 -6.28 21.63
N ASP A 261 11.46 -7.52 21.66
CA ASP A 261 12.14 -8.63 20.99
C ASP A 261 11.56 -8.89 19.60
N THR A 262 10.52 -8.13 19.25
CA THR A 262 9.90 -8.18 17.93
C THR A 262 10.77 -7.42 16.93
N SER A 263 11.11 -8.06 15.82
CA SER A 263 11.80 -7.36 14.74
C SER A 263 10.86 -6.30 14.17
N ILE A 264 11.30 -5.04 14.17
CA ILE A 264 10.51 -3.96 13.58
C ILE A 264 10.97 -3.69 12.14
N ILE A 265 10.10 -4.05 11.19
CA ILE A 265 10.35 -3.82 9.77
C ILE A 265 9.51 -2.64 9.25
N LEU A 266 10.17 -1.68 8.61
CA LEU A 266 9.51 -0.49 8.07
C LEU A 266 9.45 -0.54 6.53
N PHE A 267 8.25 -0.65 5.96
CA PHE A 267 8.09 -0.54 4.51
C PHE A 267 7.76 0.92 4.18
N LEU A 268 8.73 1.66 3.67
CA LEU A 268 8.44 2.98 3.10
C LEU A 268 7.91 2.77 1.69
N ASN A 269 6.59 2.73 1.59
CA ASN A 269 5.87 2.23 0.42
C ASN A 269 5.41 3.35 -0.51
N LYS A 270 4.85 2.97 -1.66
CA LYS A 270 4.47 3.91 -2.72
C LYS A 270 5.67 4.77 -3.19
N LYS A 271 6.84 4.13 -3.28
CA LYS A 271 8.05 4.87 -3.72
C LYS A 271 7.91 5.33 -5.17
N ASP A 272 7.14 4.57 -5.96
CA ASP A 272 6.88 4.96 -7.33
C ASP A 272 6.13 6.29 -7.38
N LEU A 273 5.03 6.38 -6.64
CA LEU A 273 4.25 7.63 -6.59
C LEU A 273 5.07 8.77 -6.00
N PHE A 274 5.89 8.46 -4.99
CA PHE A 274 6.72 9.48 -4.36
C PHE A 274 7.73 10.06 -5.36
N GLU A 275 8.40 9.18 -6.11
CA GLU A 275 9.39 9.59 -7.08
C GLU A 275 8.80 10.49 -8.16
N GLU A 276 7.55 10.24 -8.52
CA GLU A 276 6.89 11.03 -9.55
C GLU A 276 6.49 12.42 -9.07
N LYS A 277 6.09 12.54 -7.80
CA LYS A 277 5.66 13.85 -7.34
C LYS A 277 6.75 14.70 -6.70
N ILE A 278 7.85 14.09 -6.25
CA ILE A 278 8.82 14.80 -5.40
C ILE A 278 9.46 16.01 -6.09
N LYS A 279 9.60 15.93 -7.41
CA LYS A 279 10.11 17.03 -8.21
C LYS A 279 9.15 18.23 -8.27
N LYS A 280 7.85 17.94 -8.31
CA LYS A 280 6.83 18.98 -8.49
C LYS A 280 6.34 19.58 -7.19
N SER A 281 6.44 18.82 -6.10
CA SER A 281 5.84 19.20 -4.84
C SER A 281 6.87 19.04 -3.71
N PRO A 282 7.20 20.14 -3.02
CA PRO A 282 8.34 20.13 -2.07
C PRO A 282 8.05 19.44 -0.75
N LEU A 283 9.04 18.68 -0.27
CA LEU A 283 8.95 18.00 1.01
C LEU A 283 8.64 18.96 2.18
N THR A 284 9.07 20.22 2.04
CA THR A 284 8.82 21.23 3.07
C THR A 284 7.35 21.37 3.48
N ILE A 285 6.44 20.94 2.59
CA ILE A 285 5.02 20.91 2.93
C ILE A 285 4.79 20.01 4.14
N CYS A 286 5.59 18.95 4.24
CA CYS A 286 5.47 18.04 5.37
C CYS A 286 6.43 18.44 6.47
N TYR A 287 7.69 18.65 6.09
CA TYR A 287 8.76 19.02 7.03
C TYR A 287 9.28 20.42 6.70
N PRO A 288 8.71 21.45 7.33
CA PRO A 288 9.08 22.83 7.02
C PRO A 288 10.58 23.10 7.20
N GLU A 289 11.20 22.34 8.11
CA GLU A 289 12.63 22.51 8.41
C GLU A 289 13.55 21.84 7.38
N TYR A 290 12.99 21.04 6.48
CA TYR A 290 13.80 20.33 5.50
C TYR A 290 14.52 21.32 4.58
N ALA A 291 15.84 21.17 4.47
CA ALA A 291 16.64 22.07 3.64
C ALA A 291 17.49 21.32 2.63
N GLY A 292 17.22 20.03 2.47
CA GLY A 292 17.88 19.24 1.44
C GLY A 292 17.33 19.57 0.06
N SER A 293 17.88 18.95 -0.98
CA SER A 293 17.33 19.14 -2.33
C SER A 293 15.99 18.42 -2.46
N ASN A 294 15.17 18.86 -3.42
CA ASN A 294 13.91 18.17 -3.68
C ASN A 294 14.08 17.12 -4.77
N THR A 295 14.88 16.10 -4.45
CA THR A 295 15.10 14.97 -5.34
C THR A 295 14.63 13.71 -4.62
N TYR A 296 14.41 12.64 -5.39
CA TYR A 296 14.01 11.35 -4.85
C TYR A 296 14.98 10.88 -3.76
N GLU A 297 16.27 10.89 -4.10
CA GLU A 297 17.35 10.44 -3.23
C GLU A 297 17.42 11.12 -1.87
N GLU A 298 17.40 12.45 -1.87
CA GLU A 298 17.57 13.21 -0.61
C GLU A 298 16.30 13.21 0.23
N ALA A 299 15.15 13.39 -0.42
CA ALA A 299 13.88 13.48 0.32
C ALA A 299 13.46 12.14 0.93
N ALA A 300 13.68 11.04 0.21
CA ALA A 300 13.41 9.69 0.75
C ALA A 300 14.33 9.38 1.92
N ALA A 301 15.60 9.74 1.78
CA ALA A 301 16.56 9.55 2.88
C ALA A 301 16.07 10.29 4.10
N TYR A 302 15.66 11.54 3.91
CA TYR A 302 15.22 12.39 5.03
C TYR A 302 14.03 11.78 5.75
N ILE A 303 13.09 11.23 4.97
CA ILE A 303 11.91 10.60 5.56
C ILE A 303 12.32 9.35 6.34
N GLN A 304 13.20 8.53 5.76
CA GLN A 304 13.70 7.36 6.46
C GLN A 304 14.30 7.76 7.82
N CYS A 305 15.18 8.76 7.81
CA CYS A 305 15.78 9.23 9.05
C CYS A 305 14.74 9.75 10.05
N GLN A 306 13.75 10.50 9.56
CA GLN A 306 12.66 10.96 10.43
C GLN A 306 11.94 9.83 11.16
N PHE A 307 11.63 8.74 10.44
CA PHE A 307 10.95 7.63 11.10
C PHE A 307 11.88 6.88 12.06
N GLU A 308 13.10 6.55 11.62
CA GLU A 308 14.01 5.74 12.43
C GLU A 308 14.39 6.45 13.73
N ASP A 309 14.31 7.78 13.72
CA ASP A 309 14.57 8.61 14.88
C ASP A 309 13.56 8.42 16.00
N LEU A 310 12.34 8.00 15.65
CA LEU A 310 11.28 7.81 16.63
C LEU A 310 11.55 6.61 17.55
N ASN A 311 12.61 5.85 17.25
CA ASN A 311 12.99 4.70 18.06
C ASN A 311 13.86 5.11 19.26
N LYS A 312 13.33 4.90 20.46
CA LYS A 312 13.95 5.41 21.69
C LYS A 312 14.94 4.43 22.34
N ARG A 313 15.12 3.28 21.70
CA ARG A 313 16.02 2.25 22.21
C ARG A 313 17.00 1.84 21.13
N LYS A 314 17.73 2.80 20.57
CA LYS A 314 18.54 2.57 19.37
C LYS A 314 19.62 1.49 19.51
N ASP A 315 20.38 1.54 20.59
CA ASP A 315 21.43 0.54 20.84
C ASP A 315 20.85 -0.78 21.38
N THR A 316 19.52 -0.88 21.36
CA THR A 316 18.80 -2.09 21.74
C THR A 316 17.97 -2.58 20.56
N LYS A 317 17.22 -1.67 19.95
CA LYS A 317 16.36 -2.02 18.83
C LYS A 317 16.85 -1.47 17.48
N GLU A 318 16.96 -2.39 16.51
CA GLU A 318 17.29 -2.06 15.15
C GLU A 318 16.00 -1.95 14.31
N ILE A 319 15.87 -0.91 13.49
CA ILE A 319 14.76 -0.83 12.53
C ILE A 319 15.24 -1.34 11.18
N TYR A 320 14.48 -2.23 10.55
CA TYR A 320 14.86 -2.75 9.25
C TYR A 320 14.01 -2.10 8.16
N THR A 321 14.57 -1.08 7.50
CA THR A 321 13.84 -0.28 6.53
C THR A 321 14.01 -0.75 5.08
N HIS A 322 12.88 -0.85 4.36
CA HIS A 322 12.90 -1.12 2.93
C HIS A 322 12.01 -0.13 2.19
N PHE A 323 12.46 0.29 1.00
CA PHE A 323 11.63 1.09 0.11
C PHE A 323 10.89 0.18 -0.86
N THR A 324 9.57 0.25 -0.84
CA THR A 324 8.79 -0.72 -1.60
C THR A 324 7.83 -0.06 -2.56
N CYS A 325 7.45 -0.82 -3.58
CA CYS A 325 6.29 -0.49 -4.38
C CYS A 325 5.43 -1.72 -4.27
N ALA A 326 4.41 -1.65 -3.41
CA ALA A 326 3.70 -2.88 -3.04
C ALA A 326 2.91 -3.49 -4.21
N THR A 327 2.56 -2.66 -5.20
CA THR A 327 1.85 -3.19 -6.38
C THR A 327 2.80 -3.91 -7.38
N ASP A 328 4.11 -3.78 -7.14
CA ASP A 328 5.12 -4.39 -8.01
C ASP A 328 5.53 -5.76 -7.47
N THR A 329 5.03 -6.84 -8.08
CA THR A 329 5.25 -8.19 -7.58
C THR A 329 6.74 -8.51 -7.43
N LYS A 330 7.55 -8.10 -8.41
CA LYS A 330 8.99 -8.37 -8.39
C LYS A 330 9.70 -7.66 -7.23
N ASN A 331 9.36 -6.39 -6.98
CA ASN A 331 9.96 -5.69 -5.85
C ASN A 331 9.53 -6.33 -4.52
N VAL A 332 8.24 -6.61 -4.37
CA VAL A 332 7.75 -7.21 -3.13
C VAL A 332 8.41 -8.59 -2.90
N GLN A 333 8.59 -9.35 -3.96
CA GLN A 333 9.28 -10.64 -3.87
C GLN A 333 10.73 -10.48 -3.38
N PHE A 334 11.45 -9.53 -3.97
CA PHE A 334 12.82 -9.22 -3.54
C PHE A 334 12.88 -8.77 -2.08
N VAL A 335 11.99 -7.84 -1.72
CA VAL A 335 11.98 -7.32 -0.35
C VAL A 335 11.57 -8.40 0.68
N CYS A 336 10.58 -9.21 0.34
CA CYS A 336 10.15 -10.34 1.17
C CYS A 336 11.28 -11.33 1.43
N ASP A 337 12.06 -11.57 0.38
CA ASP A 337 13.19 -12.49 0.49
C ASP A 337 14.21 -11.96 1.50
N ALA A 338 14.51 -10.67 1.43
CA ALA A 338 15.46 -10.06 2.37
C ALA A 338 14.93 -10.03 3.80
N VAL A 339 13.66 -9.67 3.96
CA VAL A 339 13.06 -9.63 5.29
C VAL A 339 13.07 -11.01 5.95
N THR A 340 12.83 -12.04 5.14
CA THR A 340 12.80 -13.41 5.63
C THR A 340 14.21 -13.86 6.08
N ASP A 341 15.25 -13.43 5.38
CA ASP A 341 16.61 -13.75 5.81
C ASP A 341 16.97 -13.10 7.14
N VAL A 342 16.44 -11.90 7.39
CA VAL A 342 16.67 -11.25 8.68
C VAL A 342 16.01 -12.04 9.81
N ILE A 343 14.78 -12.48 9.58
CA ILE A 343 14.06 -13.28 10.59
C ILE A 343 14.76 -14.63 10.86
N ILE A 344 15.18 -15.31 9.79
CA ILE A 344 15.92 -16.58 9.93
C ILE A 344 17.22 -16.41 10.71
N LYS A 345 17.91 -15.29 10.51
CA LYS A 345 19.20 -15.05 11.18
C LYS A 345 19.01 -14.63 12.64
N ASN A 346 17.93 -13.91 12.93
CA ASN A 346 17.74 -13.33 14.25
C ASN A 346 16.66 -13.94 15.15
N ASN A 347 15.57 -14.45 14.57
CA ASN A 347 14.38 -14.73 15.38
C ASN A 347 13.93 -16.19 15.54
N LEU A 348 14.59 -17.14 14.88
CA LEU A 348 14.13 -18.53 14.93
C LEU A 348 14.04 -19.13 16.33
N LYS A 349 14.87 -18.66 17.25
CA LYS A 349 14.86 -19.19 18.61
C LYS A 349 13.51 -18.94 19.31
N ASP A 350 12.81 -17.91 18.87
CA ASP A 350 11.49 -17.59 19.43
C ASP A 350 10.35 -18.10 18.56
N CYS A 351 10.66 -18.90 17.54
CA CYS A 351 9.62 -19.47 16.69
C CYS A 351 9.40 -20.93 17.02
N GLY A 352 8.18 -21.26 17.43
CA GLY A 352 7.86 -22.62 17.84
C GLY A 352 7.61 -23.58 16.71
N LEU A 353 7.57 -24.87 17.04
CA LEU A 353 7.32 -25.95 16.09
C LEU A 353 5.95 -26.57 16.35
N PHE A 354 5.24 -26.92 15.28
CA PHE A 354 3.87 -27.41 15.39
C PHE A 354 3.59 -28.59 14.48
PB GDP B . -4.44 -0.44 3.19
O1B GDP B . -3.30 -0.27 4.16
O2B GDP B . -5.61 0.47 3.55
O3B GDP B . -4.89 -1.88 3.18
O3A GDP B . -3.91 0.03 1.74
PA GDP B . -4.17 -0.73 0.34
O1A GDP B . -3.32 -1.97 0.22
O2A GDP B . -5.65 -1.02 0.10
O5' GDP B . -3.60 0.38 -0.69
C5' GDP B . -4.40 1.52 -1.01
C4' GDP B . -4.30 1.82 -2.51
O4' GDP B . -2.94 2.13 -2.85
C3' GDP B . -4.69 0.62 -3.35
O3' GDP B . -5.44 1.11 -4.48
C2' GDP B . -3.38 0.04 -3.86
O2' GDP B . -3.51 -0.57 -5.16
C1' GDP B . -2.48 1.27 -3.91
N9 GDP B . -1.07 0.99 -3.59
C8 GDP B . -0.56 0.35 -2.51
N7 GDP B . 0.79 0.33 -2.56
C5 GDP B . 1.16 0.99 -3.66
C6 GDP B . 2.43 1.35 -4.31
O6 GDP B . 3.52 1.03 -3.78
N1 GDP B . 2.38 2.04 -5.45
C2 GDP B . 1.24 2.42 -6.03
N2 GDP B . 1.30 3.12 -7.19
N3 GDP B . 0.03 2.14 -5.49
C4 GDP B . -0.07 1.43 -4.33
S SO3 C . 14.69 -24.44 10.95
O1 SO3 C . 13.24 -24.18 10.86
O2 SO3 C . 14.88 -25.56 11.89
O3 SO3 C . 15.16 -24.92 9.64
CL CL D . -5.22 5.24 -2.29
#